data_4WX7
#
_entry.id   4WX7
#
_cell.length_a   40.793
_cell.length_b   40.793
_cell.length_c   191.752
_cell.angle_alpha   90.000
_cell.angle_beta   90.000
_cell.angle_gamma   120.000
#
_symmetry.space_group_name_H-M   'P 32'
#
loop_
_entity.id
_entity.type
_entity.pdbx_description
1 polymer Protease
2 polymer PVI
3 non-polymer 3-[2-(3,5-dichlorophenyl)-2-methylpropanoyl]-N-(2-{[(2Z)-2-iminoethyl]amino}-2-oxoethyl)-4-methoxybenzamide
4 water water
#
loop_
_entity_poly.entity_id
_entity_poly.type
_entity_poly.pdbx_seq_one_letter_code
_entity_poly.pdbx_strand_id
1 'polypeptide(L)'
;SGSSEQELAAIVRDLGCGPYFLGTHDKRFPGFLAGNKLACAIVNTAGRETGGVHWLAFGWNPRSRTCYMFDPFGFSDRRL
KQIYSFEYEAMLRRSALALSPDRCLSLEQSTQTVQGPDSAACGLFCCMFLHAFVHWPDRPMDGNPTMNLLTGVPNGMLQS
PQVLPTLRRNQEKLYRFLAHHSPYFRSHRAAIEHATAFDKMKQL
;
A,C
2 'polypeptide(L)' GVKSLKRRRCY B,D
#
# COMPACT_ATOMS: atom_id res chain seq x y z
N SER A 1 -3.05 6.72 25.68
CA SER A 1 -4.33 5.95 25.43
C SER A 1 -4.42 5.24 24.07
N GLY A 2 -4.14 3.95 24.03
CA GLY A 2 -4.17 3.18 22.79
C GLY A 2 -2.80 2.99 22.16
N SER A 3 -2.77 2.63 20.88
CA SER A 3 -1.53 2.60 20.11
C SER A 3 -1.67 3.18 18.69
N SER A 4 -0.71 3.98 18.27
CA SER A 4 -0.70 4.73 16.98
C SER A 4 -0.20 3.96 15.75
N GLU A 5 -0.69 4.30 14.55
CA GLU A 5 -0.27 3.61 13.30
C GLU A 5 1.23 3.55 13.05
N GLN A 6 1.93 4.58 13.51
CA GLN A 6 3.37 4.66 13.39
C GLN A 6 4.00 3.56 14.29
N GLU A 7 3.42 3.37 15.45
CA GLU A 7 4.01 2.50 16.41
C GLU A 7 3.73 1.03 16.03
N LEU A 8 2.54 0.74 15.51
CA LEU A 8 2.27 -0.60 14.99
C LEU A 8 3.00 -0.91 13.68
N ALA A 9 3.19 0.06 12.78
CA ALA A 9 4.04 -0.22 11.62
C ALA A 9 5.46 -0.54 12.05
N ALA A 10 5.98 0.20 13.02
CA ALA A 10 7.31 -0.11 13.54
C ALA A 10 7.31 -1.52 14.12
N ILE A 11 6.41 -1.80 15.05
CA ILE A 11 6.40 -3.09 15.69
C ILE A 11 6.21 -4.25 14.71
N VAL A 12 5.36 -4.05 13.69
CA VAL A 12 5.12 -5.03 12.62
C VAL A 12 6.37 -5.27 11.72
N ARG A 13 7.09 -4.22 11.35
CA ARG A 13 8.36 -4.40 10.65
C ARG A 13 9.38 -5.19 11.53
N ASP A 14 9.42 -4.84 12.82
CA ASP A 14 10.30 -5.51 13.78
C ASP A 14 9.99 -7.00 13.86
N LEU A 15 8.73 -7.36 13.59
CA LEU A 15 8.29 -8.76 13.74
C LEU A 15 8.60 -9.63 12.52
N GLY A 16 8.99 -8.97 11.41
CA GLY A 16 9.41 -9.71 10.24
C GLY A 16 8.38 -9.69 9.14
N CYS A 17 7.38 -8.83 9.28
CA CYS A 17 6.29 -8.84 8.33
C CYS A 17 6.57 -7.84 7.20
N GLY A 18 7.73 -7.20 7.27
CA GLY A 18 8.11 -6.18 6.29
C GLY A 18 7.79 -6.63 4.87
N PRO A 19 8.29 -7.83 4.45
CA PRO A 19 8.01 -8.32 3.08
C PRO A 19 6.54 -8.64 2.80
N TYR A 20 5.67 -8.64 3.80
CA TYR A 20 4.27 -9.01 3.56
C TYR A 20 3.20 -7.97 4.00
N PHE A 21 3.65 -6.88 4.60
CA PHE A 21 2.73 -5.95 5.27
C PHE A 21 2.20 -4.91 4.30
N LEU A 22 0.91 -4.63 4.41
CA LEU A 22 0.28 -3.60 3.61
C LEU A 22 -0.04 -2.29 4.33
N GLY A 23 0.57 -2.03 5.48
CA GLY A 23 0.28 -0.78 6.18
C GLY A 23 -0.89 -0.94 7.14
N THR A 24 -0.97 -0.04 8.11
CA THR A 24 -2.16 -0.01 8.96
C THR A 24 -3.19 0.86 8.26
N HIS A 25 -4.46 0.51 8.44
CA HIS A 25 -5.55 1.26 7.79
C HIS A 25 -6.71 1.53 8.71
N ASP A 26 -7.48 2.54 8.35
CA ASP A 26 -8.82 2.72 8.85
C ASP A 26 -9.74 1.65 8.22
N LYS A 27 -11.04 1.65 8.60
CA LYS A 27 -12.04 0.63 8.18
C LYS A 27 -12.17 0.53 6.67
N ARG A 28 -11.57 1.47 5.95
CA ARG A 28 -11.73 1.48 4.50
C ARG A 28 -10.54 0.83 3.77
N PHE A 29 -9.72 0.08 4.52
CA PHE A 29 -8.74 -0.82 3.95
C PHE A 29 -9.25 -1.49 2.67
N PRO A 30 -8.56 -1.26 1.54
CA PRO A 30 -9.10 -1.73 0.25
C PRO A 30 -9.13 -3.24 0.09
N GLY A 31 -8.30 -3.92 0.88
CA GLY A 31 -8.14 -5.35 0.78
C GLY A 31 -6.89 -5.79 0.09
N PHE A 32 -6.90 -7.06 -0.30
CA PHE A 32 -5.77 -7.73 -0.94
C PHE A 32 -6.05 -7.85 -2.42
N LEU A 33 -5.44 -6.98 -3.21
CA LEU A 33 -5.86 -6.78 -4.59
C LEU A 33 -4.64 -6.77 -5.43
N ALA A 34 -3.54 -6.29 -4.88
CA ALA A 34 -2.29 -6.08 -5.62
C ALA A 34 -1.85 -7.27 -6.45
N GLY A 35 -2.01 -8.47 -5.89
CA GLY A 35 -1.61 -9.71 -6.55
C GLY A 35 -1.78 -10.87 -5.58
N ASN A 36 -1.55 -12.09 -6.05
CA ASN A 36 -1.73 -13.23 -5.16
C ASN A 36 -0.44 -13.61 -4.44
N LYS A 37 -0.33 -13.13 -3.21
CA LYS A 37 0.93 -13.08 -2.47
C LYS A 37 0.60 -13.14 -0.96
N LEU A 38 1.51 -13.69 -0.17
CA LEU A 38 1.36 -13.64 1.28
C LEU A 38 1.41 -12.16 1.72
N ALA A 39 0.27 -11.68 2.19
CA ALA A 39 0.06 -10.29 2.54
C ALA A 39 -0.79 -10.25 3.81
N CYS A 40 -0.59 -9.24 4.63
CA CYS A 40 -1.32 -9.14 5.87
C CYS A 40 -1.41 -7.64 6.08
N ALA A 41 -2.30 -7.20 6.95
CA ALA A 41 -2.51 -5.75 7.20
C ALA A 41 -3.11 -5.50 8.58
N ILE A 42 -3.02 -4.28 9.11
CA ILE A 42 -3.72 -3.95 10.35
C ILE A 42 -4.81 -2.93 10.05
N VAL A 43 -6.02 -3.18 10.54
CA VAL A 43 -7.19 -2.44 10.08
C VAL A 43 -8.05 -1.93 11.24
N ASN A 44 -8.26 -0.63 11.27
CA ASN A 44 -9.08 -0.08 12.29
C ASN A 44 -10.56 -0.35 11.95
N THR A 45 -11.39 -0.35 12.99
CA THR A 45 -12.81 -0.55 12.85
C THR A 45 -13.55 0.72 12.44
N ALA A 46 -13.02 1.88 12.80
CA ALA A 46 -13.60 3.18 12.40
C ALA A 46 -12.85 3.82 11.22
N GLY A 47 -13.28 5.03 10.82
CA GLY A 47 -12.56 5.82 9.80
C GLY A 47 -11.42 6.61 10.43
N ARG A 48 -10.51 7.13 9.60
CA ARG A 48 -9.39 7.95 10.14
C ARG A 48 -9.96 9.17 10.84
N GLU A 49 -11.04 9.70 10.26
CA GLU A 49 -11.73 10.89 10.76
C GLU A 49 -12.24 10.79 12.21
N THR A 50 -12.44 9.58 12.74
CA THR A 50 -12.88 9.39 14.15
C THR A 50 -11.69 9.48 15.12
N GLY A 51 -10.49 9.52 14.56
CA GLY A 51 -9.26 9.49 15.34
C GLY A 51 -8.87 8.12 15.91
N GLY A 52 -9.72 7.10 15.73
CA GLY A 52 -9.33 5.70 15.98
C GLY A 52 -10.06 5.02 17.12
N VAL A 53 -10.53 3.79 16.90
CA VAL A 53 -11.25 3.04 17.94
C VAL A 53 -10.65 1.67 18.29
N HIS A 54 -10.61 0.74 17.33
CA HIS A 54 -10.19 -0.67 17.57
C HIS A 54 -9.31 -1.23 16.46
N TRP A 55 -8.25 -1.91 16.86
CA TRP A 55 -7.36 -2.56 15.92
C TRP A 55 -7.77 -4.01 15.64
N LEU A 56 -7.84 -4.37 14.35
CA LEU A 56 -7.92 -5.75 13.80
C LEU A 56 -6.71 -6.10 12.88
N ALA A 57 -6.44 -7.40 12.76
CA ALA A 57 -5.43 -7.81 11.85
C ALA A 57 -6.07 -8.61 10.76
N PHE A 58 -5.62 -8.38 9.54
CA PHE A 58 -6.02 -9.21 8.42
C PHE A 58 -4.78 -9.84 7.78
N GLY A 59 -4.99 -11.06 7.28
CA GLY A 59 -4.03 -11.80 6.50
C GLY A 59 -4.66 -12.60 5.37
N TRP A 60 -3.94 -12.65 4.25
CA TRP A 60 -4.34 -13.48 3.13
C TRP A 60 -3.31 -14.59 2.93
N ASN A 61 -3.81 -15.82 2.83
CA ASN A 61 -3.00 -17.03 2.58
C ASN A 61 -3.31 -17.47 1.18
N PRO A 62 -2.37 -17.26 0.23
CA PRO A 62 -2.50 -17.69 -1.17
C PRO A 62 -2.49 -19.21 -1.34
N ARG A 63 -1.66 -19.92 -0.54
CA ARG A 63 -1.58 -21.38 -0.58
C ARG A 63 -2.95 -21.97 -0.29
N SER A 64 -3.77 -21.34 0.54
CA SER A 64 -5.00 -22.01 0.99
C SER A 64 -6.32 -21.31 0.72
N ARG A 65 -6.29 -20.23 -0.05
CA ARG A 65 -7.51 -19.44 -0.46
C ARG A 65 -8.22 -18.85 0.74
N THR A 66 -7.45 -18.46 1.76
CA THR A 66 -7.97 -18.10 3.08
C THR A 66 -7.54 -16.73 3.58
N CYS A 67 -8.55 -15.95 3.98
CA CYS A 67 -8.35 -14.70 4.63
C CYS A 67 -8.69 -14.81 6.11
N TYR A 68 -7.74 -14.41 6.93
CA TYR A 68 -7.96 -14.46 8.37
C TYR A 68 -8.27 -13.08 8.92
N MET A 69 -9.40 -12.99 9.62
CA MET A 69 -9.73 -11.79 10.35
CA MET A 69 -9.75 -11.79 10.35
C MET A 69 -9.47 -12.02 11.84
N PHE A 70 -8.60 -11.20 12.41
CA PHE A 70 -8.23 -11.38 13.78
C PHE A 70 -8.66 -10.21 14.64
N ASP A 71 -9.59 -10.49 15.53
CA ASP A 71 -9.98 -9.55 16.56
C ASP A 71 -9.53 -10.18 17.83
N PRO A 72 -8.69 -9.48 18.60
CA PRO A 72 -8.21 -10.02 19.87
C PRO A 72 -9.36 -10.35 20.81
N PHE A 73 -10.53 -9.72 20.61
CA PHE A 73 -11.70 -10.01 21.44
C PHE A 73 -12.45 -11.24 20.93
N GLY A 74 -12.20 -11.59 19.68
CA GLY A 74 -12.93 -12.65 18.97
C GLY A 74 -14.42 -12.42 18.84
N PHE A 75 -14.83 -11.20 18.57
CA PHE A 75 -16.26 -10.91 18.37
C PHE A 75 -16.80 -11.58 17.12
N SER A 76 -18.12 -11.71 17.02
CA SER A 76 -18.77 -12.29 15.83
C SER A 76 -18.88 -11.20 14.80
N ASP A 77 -19.20 -11.55 13.55
CA ASP A 77 -19.51 -10.49 12.57
C ASP A 77 -20.55 -9.51 13.14
N ARG A 78 -21.68 -10.06 13.57
CA ARG A 78 -22.78 -9.29 14.12
C ARG A 78 -22.27 -8.39 15.26
N ARG A 79 -21.42 -8.93 16.12
CA ARG A 79 -20.97 -8.17 17.26
C ARG A 79 -19.96 -7.13 16.82
N LEU A 80 -19.24 -7.41 15.74
CA LEU A 80 -18.44 -6.39 15.07
C LEU A 80 -19.21 -5.20 14.49
N LYS A 81 -20.31 -5.47 13.80
CA LYS A 81 -21.22 -4.41 13.33
C LYS A 81 -21.67 -3.66 14.58
N GLN A 82 -22.26 -4.42 15.48
CA GLN A 82 -23.02 -3.88 16.60
C GLN A 82 -22.23 -2.89 17.47
N ILE A 83 -21.01 -3.28 17.85
CA ILE A 83 -20.29 -2.55 18.90
C ILE A 83 -19.43 -1.54 18.26
N TYR A 84 -18.89 -1.88 17.08
CA TYR A 84 -17.92 -1.00 16.41
C TYR A 84 -18.36 -0.36 15.11
N SER A 85 -19.59 -0.67 14.66
CA SER A 85 -20.08 -0.21 13.34
C SER A 85 -19.22 -0.72 12.18
N PHE A 86 -18.39 -1.73 12.45
CA PHE A 86 -17.45 -2.23 11.47
C PHE A 86 -18.02 -3.37 10.63
N GLU A 87 -17.97 -3.20 9.30
CA GLU A 87 -18.19 -4.30 8.35
C GLU A 87 -16.95 -4.41 7.46
N TYR A 88 -16.80 -5.54 6.76
CA TYR A 88 -15.58 -5.79 5.97
C TYR A 88 -15.90 -6.74 4.83
N GLU A 89 -17.17 -6.89 4.48
CA GLU A 89 -17.63 -7.59 3.25
C GLU A 89 -17.18 -6.87 1.97
N ALA A 90 -17.18 -5.54 2.01
CA ALA A 90 -16.77 -4.77 0.84
C ALA A 90 -15.35 -5.16 0.54
N MET A 91 -14.57 -5.20 1.61
CA MET A 91 -13.15 -5.50 1.54
CA MET A 91 -13.13 -5.51 1.53
C MET A 91 -12.88 -6.96 1.06
N LEU A 92 -13.63 -7.91 1.61
CA LEU A 92 -13.53 -9.32 1.19
C LEU A 92 -13.95 -9.53 -0.26
N ARG A 93 -15.07 -8.90 -0.64
CA ARG A 93 -15.50 -8.92 -2.03
CA ARG A 93 -15.53 -8.88 -2.02
C ARG A 93 -14.43 -8.43 -2.99
N ARG A 94 -13.70 -7.38 -2.61
CA ARG A 94 -12.73 -6.81 -3.57
C ARG A 94 -11.54 -7.75 -3.66
N SER A 95 -11.18 -8.33 -2.51
CA SER A 95 -10.13 -9.30 -2.44
C SER A 95 -10.50 -10.61 -3.21
N ALA A 96 -11.66 -11.23 -2.95
CA ALA A 96 -12.07 -12.40 -3.76
C ALA A 96 -12.07 -12.12 -5.28
N LEU A 97 -12.85 -11.14 -5.75
CA LEU A 97 -12.91 -10.85 -7.19
C LEU A 97 -11.54 -10.69 -7.81
N ALA A 98 -10.61 -10.13 -7.06
CA ALA A 98 -9.25 -9.96 -7.52
C ALA A 98 -8.41 -11.22 -7.51
N LEU A 99 -8.49 -12.07 -6.48
CA LEU A 99 -7.47 -13.10 -6.31
C LEU A 99 -8.02 -14.52 -6.45
N SER A 100 -9.33 -14.66 -6.30
CA SER A 100 -9.88 -15.96 -6.29
C SER A 100 -10.38 -16.26 -7.68
N PRO A 101 -9.82 -17.32 -8.32
CA PRO A 101 -10.35 -17.79 -9.57
C PRO A 101 -11.86 -18.05 -9.49
N ASP A 102 -12.36 -18.68 -8.42
CA ASP A 102 -13.80 -19.04 -8.39
C ASP A 102 -14.66 -18.03 -7.65
N ARG A 103 -14.05 -16.86 -7.39
CA ARG A 103 -14.59 -15.78 -6.54
C ARG A 103 -14.95 -16.14 -5.07
N CYS A 104 -14.41 -17.26 -4.59
CA CYS A 104 -14.63 -17.74 -3.23
C CYS A 104 -13.37 -17.85 -2.41
N LEU A 105 -13.56 -17.78 -1.11
CA LEU A 105 -12.48 -17.88 -0.15
C LEU A 105 -12.94 -18.55 1.14
N SER A 106 -12.01 -18.63 2.06
CA SER A 106 -12.32 -19.04 3.39
C SER A 106 -12.00 -17.83 4.21
N LEU A 107 -12.97 -17.38 4.97
CA LEU A 107 -12.67 -16.41 5.99
C LEU A 107 -12.63 -17.10 7.34
N GLU A 108 -11.50 -16.95 8.00
CA GLU A 108 -11.30 -17.59 9.30
C GLU A 108 -11.05 -16.57 10.40
N GLN A 109 -11.88 -16.62 11.44
CA GLN A 109 -11.85 -15.65 12.51
C GLN A 109 -11.86 -16.31 13.89
N SER A 110 -11.33 -15.57 14.87
CA SER A 110 -11.25 -16.00 16.25
C SER A 110 -12.64 -16.01 16.85
N THR A 111 -12.91 -16.96 17.76
CA THR A 111 -14.19 -17.10 18.46
C THR A 111 -13.95 -16.86 19.96
N GLN A 112 -12.71 -16.51 20.28
CA GLN A 112 -12.30 -16.26 21.66
C GLN A 112 -11.56 -14.93 21.86
N THR A 113 -11.63 -14.42 23.08
CA THR A 113 -10.83 -13.26 23.40
C THR A 113 -9.50 -13.73 24.02
N VAL A 114 -8.43 -12.96 23.80
CA VAL A 114 -7.18 -13.01 24.51
C VAL A 114 -7.01 -11.65 25.20
N GLN A 115 -7.96 -10.75 24.98
CA GLN A 115 -7.87 -9.42 25.54
C GLN A 115 -8.86 -9.14 26.73
N GLY A 116 -8.36 -8.59 27.83
CA GLY A 116 -9.25 -8.14 28.90
C GLY A 116 -10.22 -7.09 28.43
N PRO A 117 -11.39 -6.98 29.07
CA PRO A 117 -12.42 -6.07 28.51
C PRO A 117 -11.96 -4.59 28.51
N ASP A 118 -11.16 -4.21 29.50
CA ASP A 118 -10.70 -2.82 29.68
C ASP A 118 -9.29 -2.54 29.19
N SER A 119 -8.68 -3.51 28.53
CA SER A 119 -7.32 -3.39 28.00
C SER A 119 -7.28 -2.45 26.75
N ALA A 120 -6.19 -1.71 26.59
CA ALA A 120 -6.04 -0.91 25.39
C ALA A 120 -4.87 -1.40 24.54
N ALA A 121 -4.58 -2.70 24.61
CA ALA A 121 -3.50 -3.35 23.86
C ALA A 121 -3.93 -3.90 22.56
N CYS A 122 -5.15 -3.64 22.09
CA CYS A 122 -5.62 -4.37 20.90
C CYS A 122 -4.58 -4.35 19.79
N GLY A 123 -4.02 -3.17 19.54
CA GLY A 123 -3.17 -2.97 18.39
C GLY A 123 -2.02 -3.93 18.43
N LEU A 124 -1.58 -4.21 19.65
CA LEU A 124 -0.38 -4.97 19.94
C LEU A 124 -0.69 -6.45 19.78
N PHE A 125 -1.81 -6.89 20.34
CA PHE A 125 -2.20 -8.26 20.10
C PHE A 125 -2.27 -8.53 18.58
N CYS A 126 -2.72 -7.54 17.80
CA CYS A 126 -2.71 -7.62 16.34
C CYS A 126 -1.30 -7.84 15.74
N CYS A 127 -0.35 -7.07 16.23
CA CYS A 127 1.02 -7.29 15.87
C CYS A 127 1.42 -8.77 16.06
N MET A 128 1.04 -9.34 17.21
CA MET A 128 1.49 -10.63 17.69
C MET A 128 0.92 -11.66 16.79
N PHE A 129 -0.36 -11.51 16.45
CA PHE A 129 -0.98 -12.46 15.57
C PHE A 129 -0.24 -12.41 14.23
N LEU A 130 0.04 -11.20 13.76
CA LEU A 130 0.66 -11.06 12.46
C LEU A 130 2.01 -11.73 12.38
N HIS A 131 2.75 -11.74 13.49
CA HIS A 131 4.00 -12.44 13.49
C HIS A 131 3.64 -13.88 13.21
N ALA A 132 2.70 -14.39 13.97
CA ALA A 132 2.32 -15.83 13.91
C ALA A 132 1.94 -16.17 12.51
N PHE A 133 1.01 -15.37 11.96
CA PHE A 133 0.63 -15.43 10.55
C PHE A 133 1.81 -15.49 9.58
N VAL A 134 2.79 -14.57 9.71
CA VAL A 134 3.80 -14.46 8.66
C VAL A 134 4.77 -15.57 8.79
N HIS A 135 4.67 -16.38 9.84
CA HIS A 135 5.57 -17.54 9.98
C HIS A 135 4.81 -18.86 9.83
N TRP A 136 3.52 -18.83 10.08
CA TRP A 136 2.76 -20.06 10.14
C TRP A 136 1.41 -19.82 9.52
N PRO A 137 1.39 -19.36 8.25
CA PRO A 137 0.13 -18.75 7.80
C PRO A 137 -0.96 -19.80 7.64
N ASP A 138 -0.51 -21.05 7.56
CA ASP A 138 -1.36 -22.19 7.50
C ASP A 138 -2.03 -22.42 8.86
N ARG A 139 -1.37 -22.09 9.96
CA ARG A 139 -1.89 -22.46 11.32
C ARG A 139 -1.79 -21.27 12.31
N PRO A 140 -2.32 -20.09 11.94
CA PRO A 140 -1.93 -18.92 12.74
C PRO A 140 -2.76 -18.65 14.03
N MET A 141 -4.04 -18.96 14.03
CA MET A 141 -4.84 -18.58 15.17
C MET A 141 -4.35 -19.34 16.40
N ASP A 142 -3.98 -20.61 16.20
CA ASP A 142 -3.57 -21.53 17.29
C ASP A 142 -2.64 -22.62 16.75
N GLY A 143 -1.92 -23.28 17.66
CA GLY A 143 -1.06 -24.43 17.34
C GLY A 143 0.20 -24.00 16.62
N ASN A 144 0.87 -22.97 17.14
CA ASN A 144 2.16 -22.47 16.57
C ASN A 144 2.98 -21.79 17.68
N PRO A 145 4.31 -21.76 17.60
CA PRO A 145 5.06 -21.09 18.73
C PRO A 145 4.56 -19.72 19.26
N THR A 146 3.92 -18.89 18.43
CA THR A 146 3.62 -17.52 18.87
C THR A 146 2.29 -17.42 19.58
N MET A 147 1.24 -17.86 18.91
CA MET A 147 -0.07 -17.85 19.51
C MET A 147 -0.23 -18.83 20.65
N ASN A 148 0.61 -19.88 20.67
CA ASN A 148 0.64 -20.81 21.83
C ASN A 148 0.82 -20.13 23.17
N LEU A 149 1.57 -19.05 23.16
CA LEU A 149 1.83 -18.33 24.36
C LEU A 149 0.57 -17.65 24.93
N LEU A 150 -0.38 -17.26 24.08
CA LEU A 150 -1.66 -16.71 24.49
C LEU A 150 -2.60 -17.84 24.96
N THR A 151 -3.70 -17.52 25.65
CA THR A 151 -4.67 -18.54 26.05
C THR A 151 -6.03 -18.00 25.71
N GLY A 152 -6.65 -18.57 24.67
CA GLY A 152 -7.99 -18.14 24.25
C GLY A 152 -8.97 -18.48 25.36
N VAL A 153 -9.94 -17.62 25.58
CA VAL A 153 -11.11 -17.98 26.34
C VAL A 153 -12.29 -17.55 25.49
N PRO A 154 -13.47 -18.21 25.64
CA PRO A 154 -14.57 -17.97 24.70
C PRO A 154 -14.97 -16.52 24.81
N ASN A 155 -15.24 -15.92 23.65
CA ASN A 155 -15.61 -14.52 23.61
C ASN A 155 -16.80 -14.30 24.54
N GLY A 156 -17.70 -15.28 24.64
CA GLY A 156 -18.88 -15.16 25.50
C GLY A 156 -18.55 -14.86 26.96
N MET A 157 -17.27 -14.95 27.31
CA MET A 157 -16.83 -14.84 28.68
C MET A 157 -16.04 -13.56 28.94
N LEU A 158 -15.83 -12.75 27.90
CA LEU A 158 -15.10 -11.46 27.98
C LEU A 158 -15.21 -10.65 29.27
N GLN A 159 -16.43 -10.54 29.78
CA GLN A 159 -16.75 -9.68 30.93
C GLN A 159 -16.81 -10.42 32.27
N SER A 160 -16.49 -11.73 32.30
CA SER A 160 -16.62 -12.56 33.54
C SER A 160 -15.38 -12.53 34.43
N PRO A 161 -15.59 -12.44 35.76
CA PRO A 161 -14.44 -12.37 36.70
C PRO A 161 -13.53 -13.62 36.72
N GLN A 162 -13.99 -14.75 36.18
CA GLN A 162 -13.23 -16.03 36.17
C GLN A 162 -12.09 -16.04 35.23
N VAL A 163 -12.15 -15.18 34.21
CA VAL A 163 -11.16 -15.19 33.14
C VAL A 163 -10.33 -13.88 33.17
N LEU A 164 -10.56 -13.02 34.14
CA LEU A 164 -9.70 -11.84 34.23
C LEU A 164 -8.22 -12.20 34.44
N PRO A 165 -7.90 -13.14 35.36
CA PRO A 165 -6.49 -13.51 35.53
C PRO A 165 -5.91 -13.90 34.21
N THR A 166 -6.68 -14.72 33.48
CA THR A 166 -6.28 -15.28 32.20
C THR A 166 -6.00 -14.19 31.12
N LEU A 167 -6.89 -13.22 30.98
CA LEU A 167 -6.64 -12.17 30.00
C LEU A 167 -5.48 -11.26 30.47
N ARG A 168 -5.22 -11.19 31.79
CA ARG A 168 -4.09 -10.40 32.30
C ARG A 168 -2.77 -11.12 32.03
N ARG A 169 -2.68 -12.38 32.44
CA ARG A 169 -1.55 -13.27 32.10
C ARG A 169 -1.22 -13.10 30.55
N ASN A 170 -2.29 -13.03 29.75
CA ASN A 170 -2.16 -12.88 28.29
C ASN A 170 -1.42 -11.58 27.95
N GLN A 171 -1.79 -10.48 28.61
CA GLN A 171 -1.13 -9.21 28.41
C GLN A 171 0.38 -9.24 28.82
N GLU A 172 0.66 -9.74 30.00
CA GLU A 172 2.03 -9.83 30.50
C GLU A 172 2.97 -10.54 29.54
N LYS A 173 2.47 -11.60 28.95
CA LYS A 173 3.24 -12.43 28.01
C LYS A 173 3.39 -11.75 26.68
N LEU A 174 2.32 -11.04 26.27
CA LEU A 174 2.35 -10.23 25.05
C LEU A 174 3.49 -9.25 25.14
N TYR A 175 3.54 -8.58 26.28
CA TYR A 175 4.58 -7.64 26.55
C TYR A 175 5.91 -8.39 26.45
N ARG A 176 6.01 -9.57 27.06
CA ARG A 176 7.28 -10.33 26.97
C ARG A 176 7.65 -10.62 25.54
N PHE A 177 6.69 -11.13 24.77
CA PHE A 177 6.92 -11.35 23.36
C PHE A 177 7.58 -10.14 22.70
N LEU A 178 6.83 -9.05 22.63
CA LEU A 178 7.26 -7.81 22.00
C LEU A 178 8.59 -7.32 22.57
N ALA A 179 8.79 -7.55 23.87
CA ALA A 179 10.10 -7.31 24.54
C ALA A 179 11.21 -8.12 23.89
N HIS A 180 11.00 -9.42 23.80
CA HIS A 180 11.92 -10.35 23.15
C HIS A 180 12.10 -10.10 21.67
N HIS A 181 11.05 -9.65 20.98
CA HIS A 181 11.09 -9.64 19.50
C HIS A 181 11.22 -8.29 18.80
N SER A 182 11.02 -7.16 19.51
CA SER A 182 10.89 -5.83 18.85
C SER A 182 11.73 -4.67 19.43
N PRO A 183 12.83 -4.34 18.75
CA PRO A 183 13.66 -3.21 19.15
C PRO A 183 12.80 -1.95 19.44
N TYR A 184 11.87 -1.60 18.56
CA TYR A 184 10.96 -0.49 18.85
C TYR A 184 10.09 -0.66 20.14
N PHE A 185 9.74 -1.88 20.51
CA PHE A 185 9.11 -2.05 21.80
C PHE A 185 10.10 -1.65 22.91
N ARG A 186 11.21 -2.38 23.03
CA ARG A 186 12.19 -2.16 24.10
C ARG A 186 12.61 -0.70 24.26
N SER A 187 12.68 0.03 23.15
CA SER A 187 13.05 1.45 23.21
C SER A 187 11.93 2.32 23.80
N HIS A 188 10.66 1.89 23.67
CA HIS A 188 9.48 2.65 24.25
C HIS A 188 8.56 1.80 25.09
N ARG A 189 9.12 0.75 25.68
CA ARG A 189 8.41 -0.12 26.59
C ARG A 189 7.57 0.63 27.60
N ALA A 190 8.22 1.35 28.50
CA ALA A 190 7.50 1.95 29.63
C ALA A 190 6.28 2.67 29.12
N ALA A 191 6.42 3.39 28.00
CA ALA A 191 5.32 4.21 27.48
C ALA A 191 4.18 3.38 26.91
N ILE A 192 4.50 2.42 26.05
CA ILE A 192 3.51 1.61 25.38
C ILE A 192 2.77 0.83 26.43
N GLU A 193 3.47 0.36 27.43
CA GLU A 193 2.78 -0.40 28.45
C GLU A 193 1.81 0.44 29.26
N HIS A 194 2.15 1.74 29.43
CA HIS A 194 1.23 2.66 30.13
C HIS A 194 0.05 2.98 29.20
N ALA A 195 0.32 3.39 27.96
CA ALA A 195 -0.78 3.70 27.04
C ALA A 195 -1.75 2.49 26.68
N THR A 196 -1.24 1.24 26.74
CA THR A 196 -2.01 0.07 26.29
C THR A 196 -2.51 -0.79 27.47
N ALA A 197 -2.26 -0.30 28.67
CA ALA A 197 -2.45 -0.98 29.97
C ALA A 197 -3.64 -1.91 30.07
N PHE A 198 -3.49 -2.96 30.87
CA PHE A 198 -4.53 -3.97 30.93
C PHE A 198 -5.92 -3.42 31.28
N ASP A 199 -5.98 -2.35 32.07
CA ASP A 199 -7.23 -1.64 32.25
C ASP A 199 -7.10 -0.14 31.95
N LYS A 200 -6.61 0.22 30.75
CA LYS A 200 -6.60 1.64 30.36
C LYS A 200 -7.99 2.30 30.40
N MET A 201 -9.02 1.61 29.88
CA MET A 201 -10.38 2.17 29.88
C MET A 201 -10.90 2.69 31.25
N LYS A 202 -10.51 2.05 32.35
CA LYS A 202 -10.88 2.52 33.70
C LYS A 202 -10.17 3.82 34.10
N GLN A 203 -9.04 4.12 33.46
CA GLN A 203 -8.19 5.21 33.95
C GLN A 203 -8.13 6.33 32.94
N LEU A 204 -9.13 6.41 32.06
CA LEU A 204 -9.16 7.49 31.05
C LEU A 204 -9.33 8.86 31.69
N GLY B 1 -3.33 -20.32 21.80
CA GLY B 1 -3.97 -19.46 20.77
C GLY B 1 -5.47 -19.38 20.98
N VAL B 2 -6.22 -19.23 19.90
CA VAL B 2 -7.68 -19.14 20.02
C VAL B 2 -8.31 -20.15 19.11
N LYS B 3 -9.46 -20.70 19.50
CA LYS B 3 -10.33 -21.41 18.57
C LYS B 3 -10.78 -20.38 17.54
N SER B 4 -11.41 -20.88 16.49
CA SER B 4 -11.77 -20.12 15.35
C SER B 4 -12.73 -20.90 14.42
N LEU B 5 -13.16 -20.16 13.41
CA LEU B 5 -14.34 -20.49 12.66
C LEU B 5 -14.01 -20.15 11.24
N LYS B 6 -14.32 -21.06 10.32
CA LYS B 6 -13.94 -20.90 8.94
C LYS B 6 -15.16 -21.12 8.01
N ARG B 7 -15.60 -20.07 7.33
CA ARG B 7 -16.73 -20.18 6.38
C ARG B 7 -16.24 -19.97 4.95
N ARG B 8 -16.79 -20.71 4.00
CA ARG B 8 -16.50 -20.48 2.60
C ARG B 8 -17.32 -19.25 2.27
N ARG B 9 -16.77 -18.28 1.56
CA ARG B 9 -17.55 -17.08 1.17
C ARG B 9 -17.40 -16.74 -0.30
N CYS B 10 -18.52 -16.82 -1.01
CA CYS B 10 -18.52 -16.70 -2.45
C CYS B 10 -19.05 -15.35 -2.89
N TYR B 11 -18.45 -14.79 -3.95
CA TYR B 11 -18.65 -13.36 -4.27
C TYR B 11 -19.20 -13.11 -5.65
N SER C 1 19.67 -3.51 -16.66
CA SER C 1 18.94 -2.67 -17.65
C SER C 1 17.71 -1.98 -17.06
N GLY C 2 17.78 -0.65 -17.05
CA GLY C 2 16.66 0.17 -16.56
C GLY C 2 16.69 0.37 -15.06
N SER C 3 15.51 0.35 -14.44
CA SER C 3 15.39 0.46 -12.98
C SER C 3 14.38 -0.48 -12.30
N SER C 4 14.80 -1.06 -11.19
CA SER C 4 14.01 -1.99 -10.42
C SER C 4 13.26 -1.29 -9.28
N GLU C 5 12.12 -1.85 -8.84
CA GLU C 5 11.24 -1.29 -7.80
C GLU C 5 11.95 -0.77 -6.52
N GLN C 6 13.03 -1.43 -6.13
CA GLN C 6 13.74 -1.04 -4.90
C GLN C 6 14.45 0.34 -5.07
N GLU C 7 14.87 0.59 -6.29
CA GLU C 7 15.65 1.73 -6.58
C GLU C 7 14.69 2.89 -6.69
N LEU C 8 13.59 2.64 -7.40
CA LEU C 8 12.52 3.60 -7.54
C LEU C 8 11.83 3.93 -6.21
N ALA C 9 11.70 2.95 -5.32
CA ALA C 9 11.10 3.26 -4.03
C ALA C 9 12.08 4.11 -3.26
N ALA C 10 13.36 3.75 -3.28
CA ALA C 10 14.40 4.58 -2.66
C ALA C 10 14.39 5.99 -3.23
N ILE C 11 14.54 6.12 -4.53
CA ILE C 11 14.61 7.47 -5.14
C ILE C 11 13.36 8.31 -4.87
N VAL C 12 12.18 7.70 -4.90
CA VAL C 12 10.94 8.41 -4.60
C VAL C 12 10.86 8.93 -3.12
N ARG C 13 11.39 8.18 -2.14
CA ARG C 13 11.40 8.71 -0.77
C ARG C 13 12.39 9.87 -0.63
N ASP C 14 13.55 9.75 -1.27
CA ASP C 14 14.55 10.84 -1.34
C ASP C 14 13.92 12.08 -1.92
N LEU C 15 12.97 11.92 -2.83
CA LEU C 15 12.33 13.06 -3.45
C LEU C 15 11.21 13.73 -2.63
N GLY C 16 10.81 13.14 -1.50
CA GLY C 16 9.83 13.78 -0.62
C GLY C 16 8.42 13.22 -0.73
N CYS C 17 8.26 12.16 -1.52
CA CYS C 17 6.92 11.64 -1.78
C CYS C 17 6.53 10.57 -0.75
N GLY C 18 7.44 10.30 0.21
CA GLY C 18 7.17 9.38 1.31
C GLY C 18 5.73 9.52 1.79
N PRO C 19 5.30 10.73 2.24
CA PRO C 19 3.94 10.82 2.84
C PRO C 19 2.80 10.62 1.86
N TYR C 20 3.11 10.51 0.57
CA TYR C 20 2.04 10.33 -0.41
C TYR C 20 2.18 9.07 -1.32
N PHE C 21 3.22 8.27 -1.08
CA PHE C 21 3.54 7.16 -1.98
C PHE C 21 2.85 5.85 -1.67
N LEU C 22 2.12 5.33 -2.66
CA LEU C 22 1.44 4.07 -2.53
C LEU C 22 2.27 2.86 -2.97
N GLY C 23 3.56 3.04 -3.22
CA GLY C 23 4.36 1.91 -3.63
C GLY C 23 4.45 1.81 -5.13
N THR C 24 5.56 1.26 -5.58
CA THR C 24 5.67 1.00 -7.01
C THR C 24 5.02 -0.34 -7.33
N HIS C 25 4.50 -0.43 -8.53
CA HIS C 25 3.58 -1.48 -8.85
C HIS C 25 3.77 -2.00 -10.27
N ASP C 26 3.50 -3.28 -10.43
CA ASP C 26 3.14 -3.86 -11.71
C ASP C 26 1.80 -3.27 -12.21
N LYS C 27 1.37 -3.68 -13.43
CA LYS C 27 0.14 -3.16 -14.08
C LYS C 27 -1.16 -3.28 -13.27
N ARG C 28 -1.20 -4.19 -12.31
CA ARG C 28 -2.44 -4.41 -11.60
C ARG C 28 -2.52 -3.63 -10.29
N PHE C 29 -1.80 -2.52 -10.22
CA PHE C 29 -1.93 -1.55 -9.15
C PHE C 29 -3.42 -1.28 -8.93
N PRO C 30 -3.90 -1.40 -7.68
CA PRO C 30 -5.36 -1.41 -7.45
C PRO C 30 -6.06 -0.08 -7.68
N GLY C 31 -5.32 1.03 -7.61
CA GLY C 31 -5.93 2.36 -7.72
C GLY C 31 -5.73 3.21 -6.48
N PHE C 32 -6.48 4.32 -6.38
CA PHE C 32 -6.46 5.18 -5.21
C PHE C 32 -7.78 4.92 -4.52
N LEU C 33 -7.73 4.14 -3.45
CA LEU C 33 -8.91 3.58 -2.78
C LEU C 33 -8.85 3.93 -1.31
N ALA C 34 -7.68 3.72 -0.70
CA ALA C 34 -7.43 3.99 0.72
C ALA C 34 -8.23 5.15 1.34
N GLY C 35 -8.38 6.26 0.61
CA GLY C 35 -9.06 7.48 1.10
C GLY C 35 -8.73 8.65 0.19
N ASN C 36 -9.37 9.80 0.40
CA ASN C 36 -9.21 10.94 -0.53
C ASN C 36 -8.07 11.90 -0.16
N LYS C 37 -6.85 11.46 -0.41
CA LYS C 37 -5.67 12.14 0.05
C LYS C 37 -4.71 12.31 -1.15
N LEU C 38 -3.81 13.28 -1.05
CA LEU C 38 -2.73 13.44 -2.05
C LEU C 38 -1.86 12.18 -2.07
N ALA C 39 -1.95 11.43 -3.18
CA ALA C 39 -1.39 10.09 -3.27
C ALA C 39 -0.85 9.91 -4.66
N CYS C 40 0.11 9.02 -4.83
CA CYS C 40 0.71 8.80 -6.14
C CYS C 40 1.45 7.48 -6.09
N ALA C 41 1.65 6.88 -7.26
CA ALA C 41 2.35 5.58 -7.32
C ALA C 41 3.23 5.50 -8.57
N ILE C 42 4.10 4.51 -8.65
CA ILE C 42 4.68 4.18 -9.94
C ILE C 42 4.11 2.85 -10.36
N VAL C 43 3.81 2.69 -11.66
CA VAL C 43 3.05 1.53 -12.14
C VAL C 43 3.67 0.99 -13.39
N ASN C 44 4.05 -0.28 -13.34
CA ASN C 44 4.60 -0.90 -14.51
C ASN C 44 3.50 -1.23 -15.54
N THR C 45 3.88 -1.38 -16.82
CA THR C 45 2.93 -1.70 -17.88
C THR C 45 2.64 -3.19 -17.99
N ALA C 46 3.59 -4.03 -17.59
CA ALA C 46 3.42 -5.47 -17.59
C ALA C 46 3.11 -5.99 -16.17
N GLY C 47 2.93 -7.29 -16.02
CA GLY C 47 2.85 -7.92 -14.68
C GLY C 47 4.24 -8.18 -14.09
N ARG C 48 4.33 -8.35 -12.77
CA ARG C 48 5.60 -8.76 -12.11
C ARG C 48 6.08 -10.02 -12.84
N GLU C 49 5.13 -10.83 -13.29
CA GLU C 49 5.43 -12.10 -13.92
C GLU C 49 6.15 -11.97 -15.25
N THR C 50 6.24 -10.77 -15.81
CA THR C 50 6.97 -10.59 -17.07
C THR C 50 8.41 -10.18 -16.76
N GLY C 51 8.66 -9.80 -15.52
CA GLY C 51 9.95 -9.23 -15.13
C GLY C 51 10.02 -7.70 -15.28
N GLY C 52 9.08 -7.12 -16.03
CA GLY C 52 8.94 -5.65 -16.12
C GLY C 52 9.30 -5.11 -17.49
N VAL C 53 8.59 -4.07 -17.90
CA VAL C 53 8.67 -3.49 -19.22
C VAL C 53 8.79 -1.93 -19.13
N HIS C 54 7.68 -1.22 -18.89
CA HIS C 54 7.73 0.27 -18.82
C HIS C 54 7.24 0.87 -17.49
N TRP C 55 7.99 1.81 -16.97
CA TRP C 55 7.58 2.59 -15.83
C TRP C 55 6.69 3.76 -16.25
N LEU C 56 5.45 3.77 -15.73
CA LEU C 56 4.55 4.94 -15.63
C LEU C 56 4.34 5.48 -14.14
N ALA C 57 3.70 6.63 -14.02
CA ALA C 57 3.53 7.23 -12.74
C ALA C 57 2.13 7.75 -12.72
N PHE C 58 1.52 7.66 -11.57
CA PHE C 58 0.17 8.09 -11.41
C PHE C 58 0.17 8.91 -10.15
N GLY C 59 -0.72 9.91 -10.15
CA GLY C 59 -1.00 10.73 -8.99
C GLY C 59 -2.48 11.06 -8.89
N TRP C 60 -2.94 11.31 -7.69
CA TRP C 60 -4.30 11.71 -7.48
C TRP C 60 -4.27 13.05 -6.73
N ASN C 61 -4.99 14.01 -7.28
CA ASN C 61 -5.15 15.33 -6.66
C ASN C 61 -6.57 15.39 -6.20
N PRO C 62 -6.78 15.28 -4.87
CA PRO C 62 -8.08 15.41 -4.22
C PRO C 62 -8.72 16.79 -4.39
N ARG C 63 -7.91 17.87 -4.37
CA ARG C 63 -8.43 19.24 -4.48
C ARG C 63 -9.18 19.42 -5.81
N SER C 64 -8.67 18.84 -6.88
CA SER C 64 -9.22 19.12 -8.20
C SER C 64 -9.84 17.92 -8.89
N ARG C 65 -10.00 16.81 -8.14
CA ARG C 65 -10.60 15.53 -8.61
C ARG C 65 -9.91 14.95 -9.83
N THR C 66 -8.60 15.02 -9.82
CA THR C 66 -7.81 14.71 -10.99
C THR C 66 -6.73 13.69 -10.73
N CYS C 67 -6.81 12.63 -11.50
CA CYS C 67 -5.76 11.68 -11.61
C CYS C 67 -4.82 12.04 -12.74
N TYR C 68 -3.52 12.02 -12.47
CA TYR C 68 -2.51 12.21 -13.55
C TYR C 68 -1.83 10.91 -13.89
N MET C 69 -1.85 10.59 -15.18
CA MET C 69 -1.07 9.50 -15.66
CA MET C 69 -1.11 9.49 -15.71
C MET C 69 0.12 10.06 -16.44
N PHE C 70 1.31 9.70 -16.00
CA PHE C 70 2.48 10.24 -16.67
C PHE C 70 3.30 9.16 -17.36
N ASP C 71 3.32 9.21 -18.69
CA ASP C 71 4.21 8.37 -19.48
C ASP C 71 5.27 9.29 -19.98
N PRO C 72 6.54 9.03 -19.65
CA PRO C 72 7.69 9.74 -20.17
C PRO C 72 7.68 9.82 -21.70
N PHE C 73 7.12 8.82 -22.37
CA PHE C 73 7.00 8.79 -23.80
C PHE C 73 5.81 9.60 -24.31
N GLY C 74 4.86 9.82 -23.42
CA GLY C 74 3.66 10.59 -23.72
C GLY C 74 2.77 9.92 -24.72
N PHE C 75 2.75 8.60 -24.75
CA PHE C 75 1.89 7.85 -25.67
C PHE C 75 0.41 8.05 -25.34
N SER C 76 -0.47 7.84 -26.31
CA SER C 76 -1.92 7.99 -26.11
C SER C 76 -2.42 6.65 -25.56
N ASP C 77 -3.66 6.62 -25.05
CA ASP C 77 -4.16 5.37 -24.44
C ASP C 77 -3.95 4.20 -25.40
N ARG C 78 -4.54 4.34 -26.60
CA ARG C 78 -4.50 3.36 -27.68
C ARG C 78 -3.07 2.88 -27.89
N ARG C 79 -2.15 3.84 -27.93
CA ARG C 79 -0.78 3.53 -28.22
C ARG C 79 -0.11 2.74 -27.09
N LEU C 80 -0.48 2.97 -25.82
CA LEU C 80 0.10 2.18 -24.72
C LEU C 80 -0.42 0.75 -24.73
N LYS C 81 -1.73 0.62 -24.91
CA LYS C 81 -2.36 -0.68 -25.11
C LYS C 81 -1.61 -1.42 -26.23
N GLN C 82 -1.56 -0.77 -27.38
CA GLN C 82 -0.90 -1.32 -28.55
C GLN C 82 0.58 -1.72 -28.33
N ILE C 83 1.40 -0.85 -27.74
CA ILE C 83 2.87 -1.07 -27.64
C ILE C 83 3.15 -1.89 -26.44
N TYR C 84 2.38 -1.64 -25.39
CA TYR C 84 2.63 -2.25 -24.07
C TYR C 84 1.49 -3.13 -23.55
N SER C 85 0.39 -3.27 -24.29
CA SER C 85 -0.75 -4.10 -23.85
C SER C 85 -1.40 -3.55 -22.59
N PHE C 86 -1.10 -2.29 -22.34
CA PHE C 86 -1.47 -1.71 -21.08
C PHE C 86 -2.80 -0.94 -21.19
N GLU C 87 -3.71 -1.19 -20.24
CA GLU C 87 -4.91 -0.37 -20.08
C GLU C 87 -4.93 -0.01 -18.60
N TYR C 88 -5.71 0.97 -18.19
CA TYR C 88 -5.78 1.32 -16.77
C TYR C 88 -7.15 1.88 -16.35
N GLU C 89 -8.18 1.67 -17.18
CA GLU C 89 -9.58 1.95 -16.85
C GLU C 89 -10.08 1.13 -15.66
N ALA C 90 -9.62 -0.11 -15.53
CA ALA C 90 -10.04 -0.93 -14.40
C ALA C 90 -9.61 -0.20 -13.16
N MET C 91 -8.41 0.36 -13.24
CA MET C 91 -7.79 1.04 -12.11
CA MET C 91 -7.79 1.06 -12.12
C MET C 91 -8.54 2.35 -11.78
N LEU C 92 -8.94 3.08 -12.82
CA LEU C 92 -9.65 4.35 -12.62
C LEU C 92 -11.05 4.14 -12.11
N ARG C 93 -11.75 3.12 -12.64
CA ARG C 93 -13.08 2.78 -12.17
CA ARG C 93 -13.09 2.77 -12.18
C ARG C 93 -13.14 2.57 -10.66
N ARG C 94 -12.11 1.92 -10.12
CA ARG C 94 -12.14 1.56 -8.70
C ARG C 94 -11.87 2.84 -7.91
N SER C 95 -10.94 3.64 -8.45
CA SER C 95 -10.57 4.92 -7.90
C SER C 95 -11.74 5.95 -7.89
N ALA C 96 -12.36 6.24 -9.04
CA ALA C 96 -13.54 7.11 -9.03
C ALA C 96 -14.62 6.61 -8.06
N LEU C 97 -14.99 5.32 -8.16
CA LEU C 97 -15.99 4.73 -7.27
C LEU C 97 -15.61 4.86 -5.80
N ALA C 98 -14.35 4.58 -5.47
CA ALA C 98 -13.81 4.85 -4.11
C ALA C 98 -13.78 6.32 -3.66
N LEU C 99 -13.44 7.26 -4.53
CA LEU C 99 -13.07 8.58 -4.03
C LEU C 99 -13.87 9.78 -4.54
N SER C 100 -14.69 9.59 -5.56
CA SER C 100 -15.40 10.68 -6.17
C SER C 100 -16.90 10.57 -5.87
N PRO C 101 -17.47 11.60 -5.22
CA PRO C 101 -18.90 11.72 -5.00
C PRO C 101 -19.72 11.47 -6.27
N ASP C 102 -19.35 12.08 -7.40
CA ASP C 102 -20.19 12.07 -8.64
C ASP C 102 -19.91 10.91 -9.58
N ARG C 103 -19.07 9.98 -9.08
CA ARG C 103 -18.43 8.88 -9.80
C ARG C 103 -17.59 9.21 -11.06
N CYS C 104 -17.08 10.45 -11.10
CA CYS C 104 -16.27 10.98 -12.21
C CYS C 104 -14.93 11.56 -11.77
N LEU C 105 -14.03 11.74 -12.75
CA LEU C 105 -12.70 12.31 -12.50
C LEU C 105 -12.10 13.01 -13.75
N SER C 106 -11.08 13.81 -13.53
CA SER C 106 -10.29 14.23 -14.64
C SER C 106 -9.16 13.27 -14.75
N LEU C 107 -8.91 12.77 -15.95
CA LEU C 107 -7.69 12.01 -16.16
C LEU C 107 -6.81 12.90 -17.01
N GLU C 108 -5.63 13.17 -16.51
CA GLU C 108 -4.76 14.07 -17.24
C GLU C 108 -3.42 13.43 -17.56
N GLN C 109 -3.04 13.44 -18.83
CA GLN C 109 -1.83 12.75 -19.28
C GLN C 109 -1.03 13.61 -20.27
N SER C 110 0.25 13.27 -20.40
CA SER C 110 1.19 13.93 -21.29
C SER C 110 0.93 13.53 -22.73
N THR C 111 1.30 14.38 -23.68
CA THR C 111 1.07 14.10 -25.08
C THR C 111 2.40 14.34 -25.73
N GLN C 112 3.41 14.51 -24.89
CA GLN C 112 4.77 14.67 -25.38
C GLN C 112 5.76 13.64 -24.83
N THR C 113 6.83 13.40 -25.58
CA THR C 113 7.95 12.69 -24.96
C THR C 113 9.04 13.66 -24.43
N VAL C 114 9.66 13.26 -23.29
CA VAL C 114 10.92 13.78 -22.76
C VAL C 114 11.96 12.65 -22.77
N GLN C 115 11.57 11.46 -23.22
CA GLN C 115 12.47 10.34 -23.20
C GLN C 115 12.93 9.93 -24.62
N GLY C 116 14.24 9.84 -24.81
CA GLY C 116 14.82 9.33 -26.09
C GLY C 116 14.32 7.95 -26.46
N PRO C 117 14.26 7.62 -27.77
CA PRO C 117 13.56 6.35 -28.12
C PRO C 117 14.27 5.11 -27.53
N ASP C 118 15.59 5.17 -27.40
CA ASP C 118 16.34 3.99 -26.95
C ASP C 118 16.75 4.04 -25.50
N SER C 119 16.14 4.97 -24.77
CA SER C 119 16.45 5.21 -23.36
C SER C 119 15.83 4.16 -22.45
N ALA C 120 16.49 3.87 -21.32
CA ALA C 120 15.93 3.01 -20.28
C ALA C 120 15.73 3.78 -18.98
N ALA C 121 15.51 5.09 -19.08
CA ALA C 121 15.44 5.97 -17.94
C ALA C 121 14.04 6.16 -17.51
N CYS C 122 13.11 5.36 -18.04
CA CYS C 122 11.71 5.67 -17.85
C CYS C 122 11.40 5.78 -16.39
N GLY C 123 11.88 4.80 -15.62
CA GLY C 123 11.55 4.71 -14.23
C GLY C 123 11.90 5.99 -13.53
N LEU C 124 12.99 6.62 -13.99
CA LEU C 124 13.59 7.80 -13.36
C LEU C 124 12.83 9.08 -13.75
N PHE C 125 12.53 9.29 -15.02
CA PHE C 125 11.66 10.41 -15.35
C PHE C 125 10.36 10.37 -14.49
N CYS C 126 9.88 9.18 -14.18
CA CYS C 126 8.71 9.02 -13.34
C CYS C 126 8.97 9.52 -11.93
N CYS C 127 10.14 9.19 -11.38
CA CYS C 127 10.55 9.74 -10.12
C CYS C 127 10.46 11.29 -10.16
N MET C 128 11.12 11.87 -11.15
CA MET C 128 11.19 13.30 -11.30
C MET C 128 9.80 13.86 -11.46
N PHE C 129 8.89 13.18 -12.15
CA PHE C 129 7.55 13.75 -12.23
C PHE C 129 6.83 13.75 -10.86
N LEU C 130 6.85 12.61 -10.17
CA LEU C 130 6.23 12.55 -8.86
C LEU C 130 6.76 13.63 -7.93
N HIS C 131 8.01 14.06 -8.12
CA HIS C 131 8.48 15.15 -7.31
C HIS C 131 7.61 16.33 -7.65
N ALA C 132 7.55 16.64 -8.93
CA ALA C 132 6.84 17.83 -9.40
C ALA C 132 5.41 17.69 -8.93
N PHE C 133 4.84 16.47 -9.07
CA PHE C 133 3.53 16.14 -8.50
C PHE C 133 3.39 16.42 -7.00
N VAL C 134 4.29 15.92 -6.16
CA VAL C 134 4.11 16.06 -4.70
C VAL C 134 4.36 17.46 -4.25
N HIS C 135 4.92 18.30 -5.11
CA HIS C 135 5.19 19.70 -4.73
C HIS C 135 4.23 20.69 -5.39
N TRP C 136 3.70 20.31 -6.57
CA TRP C 136 2.91 21.19 -7.42
C TRP C 136 1.71 20.47 -8.02
N PRO C 137 0.94 19.76 -7.17
CA PRO C 137 -0.04 18.78 -7.65
C PRO C 137 -1.05 19.36 -8.65
N ASP C 138 -1.25 20.67 -8.57
CA ASP C 138 -2.12 21.35 -9.49
C ASP C 138 -1.51 21.53 -10.84
N ARG C 139 -0.20 21.66 -10.93
CA ARG C 139 0.44 21.97 -12.22
C ARG C 139 1.68 21.10 -12.48
N PRO C 140 1.54 19.76 -12.42
CA PRO C 140 2.79 19.01 -12.42
C PRO C 140 3.29 18.70 -13.81
N MET C 141 2.42 18.73 -14.80
CA MET C 141 2.85 18.31 -16.12
C MET C 141 3.86 19.33 -16.68
N ASP C 142 3.64 20.61 -16.35
CA ASP C 142 4.38 21.77 -16.88
C ASP C 142 4.16 23.02 -15.99
N GLY C 143 5.11 23.97 -16.04
CA GLY C 143 4.93 25.25 -15.36
C GLY C 143 5.28 25.18 -13.90
N ASN C 144 6.41 24.55 -13.56
CA ASN C 144 6.81 24.29 -12.16
C ASN C 144 8.32 24.08 -12.14
N PRO C 145 9.03 24.47 -11.08
CA PRO C 145 10.52 24.28 -11.08
C PRO C 145 11.10 22.91 -11.59
N THR C 146 10.37 21.81 -11.49
CA THR C 146 10.95 20.51 -11.78
C THR C 146 10.74 20.17 -13.24
N MET C 147 9.49 20.20 -13.65
CA MET C 147 9.17 19.89 -15.02
C MET C 147 9.56 20.97 -15.99
N ASN C 148 9.76 22.19 -15.50
CA ASN C 148 10.42 23.19 -16.38
C ASN C 148 11.82 22.77 -16.87
N LEU C 149 12.50 21.94 -16.10
CA LEU C 149 13.85 21.50 -16.44
C LEU C 149 13.86 20.57 -17.66
N LEU C 150 12.82 19.76 -17.80
CA LEU C 150 12.66 18.94 -19.01
C LEU C 150 12.15 19.78 -20.20
N THR C 151 12.29 19.28 -21.43
CA THR C 151 11.71 19.98 -22.61
C THR C 151 10.91 18.95 -23.40
N GLY C 152 9.58 19.04 -23.25
CA GLY C 152 8.69 18.05 -23.89
C GLY C 152 8.73 18.26 -25.37
N VAL C 153 8.69 17.19 -26.16
CA VAL C 153 8.46 17.31 -27.60
C VAL C 153 7.27 16.44 -27.94
N PRO C 154 6.48 16.79 -28.98
CA PRO C 154 5.32 15.99 -29.37
C PRO C 154 5.64 14.48 -29.47
N ASN C 155 4.75 13.66 -28.89
CA ASN C 155 4.90 12.23 -28.98
C ASN C 155 5.00 11.82 -30.42
N GLY C 156 4.31 12.53 -31.32
CA GLY C 156 4.40 12.27 -32.76
C GLY C 156 5.81 12.28 -33.33
N MET C 157 6.72 12.96 -32.62
CA MET C 157 8.11 13.12 -33.09
C MET C 157 9.12 12.11 -32.48
N LEU C 158 8.64 11.12 -31.73
CA LEU C 158 9.56 10.25 -30.92
C LEU C 158 10.79 9.68 -31.65
N GLN C 159 10.62 9.35 -32.93
CA GLN C 159 11.66 8.68 -33.69
C GLN C 159 12.46 9.65 -34.57
N SER C 160 12.07 10.92 -34.65
CA SER C 160 12.76 11.91 -35.55
C SER C 160 14.11 12.44 -35.07
N PRO C 161 15.15 12.26 -35.90
CA PRO C 161 16.49 12.75 -35.61
C PRO C 161 16.60 14.26 -35.22
N GLN C 162 15.55 15.06 -35.44
CA GLN C 162 15.55 16.50 -35.04
C GLN C 162 15.39 16.69 -33.57
N VAL C 163 14.82 15.69 -32.90
CA VAL C 163 14.52 15.79 -31.50
C VAL C 163 15.55 15.02 -30.62
N LEU C 164 16.47 14.25 -31.20
CA LEU C 164 17.42 13.48 -30.37
C LEU C 164 18.23 14.30 -29.37
N PRO C 165 18.85 15.41 -29.83
CA PRO C 165 19.55 16.30 -28.91
C PRO C 165 18.68 16.65 -27.74
N THR C 166 17.45 17.10 -28.02
CA THR C 166 16.54 17.60 -27.00
C THR C 166 16.27 16.52 -25.91
N LEU C 167 16.00 15.28 -26.36
CA LEU C 167 15.73 14.18 -25.45
C LEU C 167 16.99 13.80 -24.62
N ARG C 168 18.17 13.93 -25.21
CA ARG C 168 19.40 13.63 -24.52
C ARG C 168 19.70 14.67 -23.41
N ARG C 169 19.61 15.95 -23.76
CA ARG C 169 19.66 17.07 -22.78
C ARG C 169 18.71 16.78 -21.57
N ASN C 170 17.47 16.38 -21.86
CA ASN C 170 16.51 16.00 -20.79
C ASN C 170 17.11 14.93 -19.88
N GLN C 171 17.74 13.89 -20.47
CA GLN C 171 18.39 12.83 -19.69
C GLN C 171 19.51 13.40 -18.81
N GLU C 172 20.33 14.26 -19.38
CA GLU C 172 21.43 14.85 -18.61
C GLU C 172 20.93 15.66 -17.41
N LYS C 173 19.90 16.49 -17.65
CA LYS C 173 19.27 17.29 -16.59
C LYS C 173 18.48 16.42 -15.65
N LEU C 174 17.96 15.28 -16.14
CA LEU C 174 17.29 14.30 -15.26
C LEU C 174 18.31 13.77 -14.26
N TYR C 175 19.46 13.43 -14.79
CA TYR C 175 20.50 12.92 -13.94
C TYR C 175 20.90 14.01 -12.94
N ARG C 176 21.06 15.27 -13.38
CA ARG C 176 21.52 16.33 -12.46
C ARG C 176 20.49 16.50 -11.36
N PHE C 177 19.26 16.67 -11.77
CA PHE C 177 18.19 16.80 -10.84
C PHE C 177 18.31 15.75 -9.73
N LEU C 178 18.31 14.48 -10.15
CA LEU C 178 18.43 13.34 -9.24
C LEU C 178 19.70 13.41 -8.42
N ALA C 179 20.78 13.90 -9.03
CA ALA C 179 22.02 14.23 -8.29
C ALA C 179 21.79 15.25 -7.16
N HIS C 180 21.24 16.40 -7.49
CA HIS C 180 20.99 17.44 -6.50
C HIS C 180 19.92 17.05 -5.48
N HIS C 181 18.99 16.14 -5.82
CA HIS C 181 17.88 15.78 -4.88
C HIS C 181 17.93 14.40 -4.21
N SER C 182 18.61 13.42 -4.78
CA SER C 182 18.52 12.05 -4.20
C SER C 182 19.81 11.40 -3.68
N PRO C 183 19.93 11.28 -2.32
CA PRO C 183 21.02 10.61 -1.62
C PRO C 183 21.27 9.26 -2.24
N TYR C 184 20.23 8.42 -2.37
CA TYR C 184 20.37 7.17 -3.10
C TYR C 184 20.89 7.30 -4.55
N PHE C 185 20.62 8.39 -5.23
CA PHE C 185 21.15 8.52 -6.57
C PHE C 185 22.66 8.66 -6.49
N ARG C 186 23.10 9.77 -5.91
CA ARG C 186 24.52 10.09 -5.74
C ARG C 186 25.38 8.90 -5.34
N SER C 187 24.82 7.97 -4.55
CA SER C 187 25.56 6.77 -4.09
C SER C 187 25.72 5.68 -5.17
N HIS C 188 24.67 5.47 -5.95
CA HIS C 188 24.70 4.50 -7.05
C HIS C 188 24.57 5.16 -8.40
N ARG C 189 25.00 6.42 -8.49
CA ARG C 189 24.96 7.23 -9.70
C ARG C 189 25.50 6.45 -10.88
N ALA C 190 26.78 6.11 -10.80
CA ALA C 190 27.45 5.50 -11.95
C ALA C 190 26.70 4.25 -12.48
N ALA C 191 26.25 3.37 -11.57
CA ALA C 191 25.46 2.18 -11.98
C ALA C 191 24.10 2.51 -12.59
N ILE C 192 23.33 3.39 -11.96
CA ILE C 192 22.01 3.74 -12.49
C ILE C 192 22.16 4.44 -13.82
N GLU C 193 23.19 5.27 -13.94
CA GLU C 193 23.43 5.97 -15.21
C GLU C 193 23.78 5.03 -16.35
N HIS C 194 24.57 3.99 -16.07
CA HIS C 194 24.88 2.93 -17.05
C HIS C 194 23.60 2.16 -17.35
N ALA C 195 22.96 1.66 -16.30
CA ALA C 195 21.76 0.83 -16.48
C ALA C 195 20.56 1.54 -17.19
N THR C 196 20.49 2.87 -17.18
CA THR C 196 19.29 3.57 -17.70
C THR C 196 19.59 4.48 -18.91
N ALA C 197 20.84 4.35 -19.39
CA ALA C 197 21.48 5.21 -20.39
C ALA C 197 20.62 5.59 -21.56
N PHE C 198 20.93 6.74 -22.13
CA PHE C 198 20.11 7.29 -23.19
C PHE C 198 19.87 6.32 -24.33
N ASP C 199 20.84 5.46 -24.61
CA ASP C 199 20.61 4.45 -25.60
C ASP C 199 21.00 3.09 -25.08
N LYS C 200 20.43 2.70 -23.94
CA LYS C 200 20.62 1.36 -23.43
C LYS C 200 20.06 0.30 -24.38
N MET C 201 18.82 0.50 -24.86
CA MET C 201 18.20 -0.44 -25.78
C MET C 201 19.09 -0.84 -27.00
N LYS C 202 19.92 0.09 -27.48
CA LYS C 202 20.80 -0.18 -28.62
C LYS C 202 21.92 -1.16 -28.29
N GLN C 203 22.13 -1.39 -26.99
CA GLN C 203 23.26 -2.19 -26.57
C GLN C 203 22.95 -3.21 -25.50
N LEU C 204 21.77 -3.82 -25.61
CA LEU C 204 21.42 -4.96 -24.76
C LEU C 204 22.37 -6.12 -25.07
N GLY D 1 8.47 21.35 -19.23
CA GLY D 1 7.54 20.25 -18.88
C GLY D 1 6.92 19.66 -20.14
N VAL D 2 5.80 18.98 -19.94
CA VAL D 2 5.10 18.39 -21.09
C VAL D 2 3.76 19.03 -21.28
N LYS D 3 3.35 19.23 -22.53
CA LYS D 3 1.96 19.56 -22.83
C LYS D 3 1.18 18.34 -22.36
N SER D 4 -0.12 18.52 -22.11
CA SER D 4 -0.99 17.42 -21.75
C SER D 4 -2.44 17.61 -22.21
N LEU D 5 -3.21 16.55 -22.07
CA LEU D 5 -4.61 16.55 -22.46
C LEU D 5 -5.41 16.18 -21.20
N LYS D 6 -6.64 16.63 -21.07
CA LYS D 6 -7.36 16.32 -19.84
C LYS D 6 -8.84 16.08 -20.14
N ARG D 7 -9.35 14.88 -19.86
CA ARG D 7 -10.77 14.56 -20.08
C ARG D 7 -11.45 14.13 -18.80
N ARG D 8 -12.63 14.69 -18.55
CA ARG D 8 -13.55 14.22 -17.52
C ARG D 8 -13.97 12.82 -17.99
N ARG D 9 -13.80 11.83 -17.13
CA ARG D 9 -14.24 10.45 -17.39
C ARG D 9 -15.13 10.00 -16.25
N CYS D 10 -16.29 9.42 -16.60
CA CYS D 10 -17.29 9.02 -15.62
C CYS D 10 -17.45 7.51 -15.51
N TYR D 11 -17.56 7.02 -14.27
CA TYR D 11 -17.62 5.58 -13.99
C TYR D 11 -18.98 5.13 -13.46
#